data_6MNP
#
_entry.id   6MNP
#
_cell.length_a   56.347
_cell.length_b   59.768
_cell.length_c   77.094
_cell.angle_alpha   90.000
_cell.angle_beta   90.000
_cell.angle_gamma   90.000
#
_symmetry.space_group_name_H-M   'P 2 21 21'
#
loop_
_entity.id
_entity.type
_entity.pdbx_description
1 polymer 'Carbapenem-hydrolyzing beta-lactamase KPC'
2 non-polymer 3-(1H-tetrazol-5-ylmethyl)-5,6,7,8-tetrahydro[1]benzothieno[2,3-d]pyrimidin-4(3H)-one
3 non-polymer GLYCEROL
4 water water
#
_entity_poly.entity_id   1
_entity_poly.type   'polypeptide(L)'
_entity_poly.pdbx_seq_one_letter_code
;MGSSHHHHHHSSGLVPRGSHMLTNLVAEPFAKLEQDFGGSIGVYAMDTGSGATVSYRAEERFPLCSSFKGFLAAAVLARS
QQQAGLLDTPIRYGKNALVPWSPISEKYLTTGMTVAELSAAAVQYSDNAAANLLLKELGGPAGLTAFMRSIGDTTFRLDR
WELELNSAIPGDARDTSSPRAVTESLQKLTLGSALAAPQRQQFVDWLKGNTTGNHRIRAAVPADWAVGDKTGTCGVYGTA
NDYAVVWPTGRAPIVLAVYTRAPNKDDKHSEAVIAAAARLALEGLGVNGQ
;
_entity_poly.pdbx_strand_id   A
#
# COMPACT_ATOMS: atom_id res chain seq x y z
N LEU A 22 6.67 23.85 0.88
CA LEU A 22 7.36 23.41 2.06
C LEU A 22 6.47 22.79 3.15
N THR A 23 7.09 22.18 4.15
CA THR A 23 6.40 21.51 5.24
C THR A 23 6.21 22.24 6.59
N ASN A 24 5.12 21.90 7.26
CA ASN A 24 4.84 22.43 8.56
C ASN A 24 4.97 21.22 9.47
N LEU A 25 6.23 20.85 9.64
CA LEU A 25 6.72 19.70 10.38
C LEU A 25 6.89 19.71 11.88
N VAL A 26 6.37 18.65 12.49
CA VAL A 26 6.52 18.46 13.93
C VAL A 26 7.46 17.29 14.08
N ALA A 27 8.73 17.57 13.86
CA ALA A 27 9.72 16.50 13.82
C ALA A 27 10.07 15.98 15.21
N GLU A 28 9.90 16.80 16.24
CA GLU A 28 10.27 16.38 17.59
C GLU A 28 9.45 15.19 18.08
N PRO A 29 8.11 15.16 17.96
CA PRO A 29 7.41 13.94 18.38
C PRO A 29 7.69 12.75 17.47
N PHE A 30 7.89 12.98 16.17
CA PHE A 30 8.22 11.89 15.27
C PHE A 30 9.55 11.24 15.64
N ALA A 31 10.55 12.07 15.99
CA ALA A 31 11.86 11.54 16.35
C ALA A 31 11.80 10.74 17.65
N LYS A 32 11.00 11.19 18.61
CA LYS A 32 10.86 10.44 19.86
C LYS A 32 10.03 9.17 19.65
N LEU A 33 9.12 9.18 18.69
CA LEU A 33 8.33 7.98 18.42
C LEU A 33 9.21 6.85 17.90
N GLU A 34 10.06 7.14 16.91
CA GLU A 34 10.97 6.13 16.40
C GLU A 34 12.10 5.81 17.38
N GLN A 35 12.39 6.73 18.32
CA GLN A 35 13.39 6.43 19.34
C GLN A 35 12.92 5.31 20.25
N ASP A 36 11.63 5.31 20.62
CA ASP A 36 11.09 4.23 21.42
C ASP A 36 10.82 2.98 20.59
N PHE A 37 10.45 3.15 19.32
CA PHE A 37 10.21 2.01 18.46
C PHE A 37 11.50 1.22 18.22
N GLY A 38 12.64 1.90 18.18
CA GLY A 38 13.92 1.26 17.94
C GLY A 38 14.27 1.07 16.48
N GLY A 39 13.67 1.83 15.58
CA GLY A 39 13.96 1.73 14.16
C GLY A 39 13.72 3.05 13.47
N SER A 40 13.40 2.99 12.19
CA SER A 40 13.13 4.17 11.38
C SER A 40 11.66 4.20 10.99
N ILE A 41 11.10 5.40 10.92
CA ILE A 41 9.71 5.61 10.54
C ILE A 41 9.66 6.62 9.40
N GLY A 42 9.03 6.23 8.29
CA GLY A 42 8.84 7.13 7.18
C GLY A 42 7.39 7.54 7.02
N VAL A 43 7.12 8.85 7.04
CA VAL A 43 5.77 9.38 6.90
C VAL A 43 5.78 10.47 5.85
N TYR A 44 4.77 10.47 4.99
CA TYR A 44 4.52 11.57 4.07
C TYR A 44 3.01 11.73 3.92
N ALA A 45 2.50 12.86 4.37
CA ALA A 45 1.08 13.18 4.28
C ALA A 45 0.88 14.43 3.43
N MET A 46 -0.30 14.55 2.83
CA MET A 46 -0.59 15.68 1.96
C MET A 46 -2.07 16.02 2.04
N ASP A 47 -2.36 17.28 2.34
CA ASP A 47 -3.72 17.81 2.28
C ASP A 47 -3.97 18.27 0.83
N THR A 48 -4.85 17.56 0.13
CA THR A 48 -5.09 17.81 -1.29
C THR A 48 -5.84 19.11 -1.56
N GLY A 49 -6.19 19.87 -0.53
CA GLY A 49 -6.89 21.13 -0.73
C GLY A 49 -6.03 22.34 -0.47
N SER A 50 -5.02 22.20 0.38
CA SER A 50 -4.11 23.28 0.71
C SER A 50 -2.68 23.01 0.30
N GLY A 51 -2.36 21.81 -0.21
CA GLY A 51 -1.00 21.47 -0.57
C GLY A 51 -0.04 21.29 0.59
N ALA A 52 -0.49 21.53 1.82
CA ALA A 52 0.38 21.36 2.98
C ALA A 52 0.82 19.91 3.12
N THR A 53 2.08 19.72 3.50
CA THR A 53 2.67 18.39 3.58
C THR A 53 3.35 18.19 4.93
N VAL A 54 3.36 16.94 5.39
CA VAL A 54 4.10 16.52 6.57
C VAL A 54 5.02 15.39 6.12
N SER A 55 6.33 15.61 6.20
CA SER A 55 7.31 14.68 5.67
C SER A 55 8.37 14.37 6.70
N TYR A 56 8.54 13.09 7.01
CA TYR A 56 9.57 12.63 7.94
C TYR A 56 10.21 11.39 7.33
N ARG A 57 11.48 11.50 6.93
CA ARG A 57 12.18 10.44 6.21
C ARG A 57 11.40 10.05 4.94
N ALA A 58 10.85 11.06 4.26
CA ALA A 58 9.94 10.80 3.16
C ALA A 58 10.65 10.32 1.90
N GLU A 59 11.96 10.50 1.80
CA GLU A 59 12.71 10.08 0.63
C GLU A 59 13.54 8.82 0.87
N GLU A 60 13.57 8.31 2.10
CA GLU A 60 14.24 7.04 2.36
C GLU A 60 13.46 5.89 1.75
N ARG A 61 14.17 4.82 1.42
CA ARG A 61 13.57 3.64 0.85
C ARG A 61 13.12 2.69 1.96
N PHE A 62 11.88 2.22 1.87
CA PHE A 62 11.35 1.24 2.78
C PHE A 62 10.83 0.04 1.99
N PRO A 63 10.99 -1.18 2.51
CA PRO A 63 10.41 -2.35 1.83
C PRO A 63 8.91 -2.22 1.72
N LEU A 64 8.39 -2.48 0.51
CA LEU A 64 6.95 -2.36 0.29
C LEU A 64 6.18 -3.45 1.04
N CYS A 65 6.75 -4.64 1.15
CA CYS A 65 6.04 -5.81 1.66
C CYS A 65 4.74 -6.01 0.90
N SER A 66 3.66 -6.31 1.61
CA SER A 66 2.37 -6.56 0.98
C SER A 66 1.72 -5.30 0.43
N SER A 67 2.27 -4.12 0.71
CA SER A 67 1.64 -2.87 0.27
C SER A 67 1.68 -2.69 -1.24
N PHE A 68 2.52 -3.46 -1.95
CA PHE A 68 2.55 -3.37 -3.39
C PHE A 68 1.27 -3.88 -4.03
N LYS A 69 0.50 -4.71 -3.32
CA LYS A 69 -0.73 -5.25 -3.87
C LYS A 69 -1.73 -4.16 -4.19
N GLY A 70 -1.69 -3.03 -3.46
CA GLY A 70 -2.57 -1.91 -3.78
C GLY A 70 -2.29 -1.36 -5.16
N PHE A 71 -1.02 -1.07 -5.46
CA PHE A 71 -0.65 -0.61 -6.78
C PHE A 71 -0.75 -1.72 -7.81
N LEU A 72 -0.72 -2.99 -7.38
CA LEU A 72 -0.91 -4.09 -8.31
C LEU A 72 -2.33 -4.12 -8.85
N ALA A 73 -3.32 -3.82 -8.00
CA ALA A 73 -4.70 -3.81 -8.46
C ALA A 73 -4.98 -2.61 -9.36
N ALA A 74 -4.39 -1.46 -9.04
CA ALA A 74 -4.53 -0.29 -9.91
C ALA A 74 -3.91 -0.54 -11.28
N ALA A 75 -2.88 -1.38 -11.34
CA ALA A 75 -2.29 -1.73 -12.63
C ALA A 75 -3.26 -2.58 -13.46
N VAL A 76 -3.92 -3.55 -12.82
CA VAL A 76 -4.90 -4.36 -13.53
C VAL A 76 -6.09 -3.51 -13.96
N LEU A 77 -6.51 -2.58 -13.10
CA LEU A 77 -7.59 -1.67 -13.47
C LEU A 77 -7.21 -0.79 -14.65
N ALA A 78 -5.93 -0.41 -14.76
CA ALA A 78 -5.49 0.35 -15.91
C ALA A 78 -5.50 -0.48 -17.17
N ARG A 79 -5.20 -1.78 -17.06
CA ARG A 79 -5.25 -2.65 -18.22
C ARG A 79 -6.68 -2.96 -18.64
N SER A 80 -7.63 -2.91 -17.70
CA SER A 80 -9.03 -3.14 -18.04
C SER A 80 -9.56 -2.08 -18.99
N GLN A 81 -8.93 -0.90 -19.04
CA GLN A 81 -9.30 0.09 -20.04
C GLN A 81 -8.80 -0.31 -21.42
N GLN A 82 -7.69 -1.05 -21.49
CA GLN A 82 -7.19 -1.58 -22.74
C GLN A 82 -7.85 -2.91 -23.12
N GLN A 83 -8.37 -3.64 -22.14
CA GLN A 83 -9.08 -4.90 -22.38
C GLN A 83 -10.40 -4.83 -21.62
N ALA A 84 -11.47 -4.45 -22.32
CA ALA A 84 -12.78 -4.35 -21.68
C ALA A 84 -13.24 -5.72 -21.19
N GLY A 85 -13.77 -5.75 -19.97
CA GLY A 85 -14.20 -7.00 -19.38
C GLY A 85 -13.09 -7.89 -18.89
N LEU A 86 -11.88 -7.35 -18.70
CA LEU A 86 -10.76 -8.16 -18.24
C LEU A 86 -10.97 -8.65 -16.81
N LEU A 87 -11.67 -7.86 -15.98
CA LEU A 87 -11.86 -8.23 -14.59
C LEU A 87 -12.77 -9.45 -14.42
N ASP A 88 -13.55 -9.81 -15.44
CA ASP A 88 -14.42 -10.96 -15.38
C ASP A 88 -13.79 -12.21 -15.99
N THR A 89 -12.47 -12.21 -16.17
CA THR A 89 -11.80 -13.35 -16.77
C THR A 89 -11.55 -14.42 -15.72
N PRO A 90 -12.01 -15.66 -15.94
CA PRO A 90 -11.75 -16.72 -14.97
C PRO A 90 -10.31 -17.18 -15.02
N ILE A 91 -9.76 -17.52 -13.85
CA ILE A 91 -8.39 -17.97 -13.73
C ILE A 91 -8.36 -19.18 -12.80
N ARG A 92 -7.83 -20.30 -13.30
CA ARG A 92 -7.70 -21.54 -12.55
C ARG A 92 -6.27 -21.73 -12.07
N TYR A 93 -6.14 -22.48 -10.96
CA TYR A 93 -4.83 -22.67 -10.35
C TYR A 93 -4.86 -23.93 -9.49
N GLY A 94 -3.67 -24.48 -9.27
CA GLY A 94 -3.49 -25.62 -8.39
C GLY A 94 -2.92 -25.22 -7.05
N LYS A 95 -2.67 -26.25 -6.21
CA LYS A 95 -2.08 -26.02 -4.90
C LYS A 95 -0.71 -25.38 -5.01
N ASN A 96 0.07 -25.76 -6.04
CA ASN A 96 1.42 -25.22 -6.20
C ASN A 96 1.43 -23.70 -6.17
N ALA A 97 0.36 -23.06 -6.63
CA ALA A 97 0.25 -21.60 -6.58
C ALA A 97 -0.20 -21.10 -5.21
N LEU A 98 -0.64 -21.98 -4.31
CA LEU A 98 -1.13 -21.54 -3.01
C LEU A 98 0.04 -21.15 -2.10
N VAL A 99 0.44 -19.89 -2.17
CA VAL A 99 1.50 -19.35 -1.32
C VAL A 99 0.94 -19.27 0.09
N PRO A 100 1.77 -19.42 1.13
CA PRO A 100 1.27 -19.24 2.51
C PRO A 100 0.51 -17.94 2.68
N TRP A 101 -0.47 -17.98 3.59
CA TRP A 101 -1.48 -16.94 3.74
C TRP A 101 -2.17 -16.67 2.41
N SER A 102 -3.09 -17.55 2.03
CA SER A 102 -3.97 -17.34 0.88
C SER A 102 -5.40 -17.58 1.32
N PRO A 103 -5.92 -16.74 2.23
CA PRO A 103 -7.19 -17.07 2.90
C PRO A 103 -8.42 -16.93 2.02
N ILE A 104 -8.28 -16.50 0.77
CA ILE A 104 -9.40 -16.36 -0.15
C ILE A 104 -9.23 -17.25 -1.37
N SER A 105 -8.03 -17.27 -1.95
CA SER A 105 -7.80 -18.05 -3.17
C SER A 105 -7.84 -19.56 -2.88
N GLU A 106 -7.40 -19.98 -1.70
CA GLU A 106 -7.40 -21.41 -1.38
C GLU A 106 -8.81 -21.95 -1.19
N LYS A 107 -9.78 -21.09 -0.86
CA LYS A 107 -11.16 -21.53 -0.75
C LYS A 107 -11.80 -21.77 -2.11
N TYR A 108 -11.23 -21.18 -3.17
CA TYR A 108 -11.69 -21.40 -4.53
C TYR A 108 -10.68 -22.20 -5.34
N LEU A 109 -9.84 -22.99 -4.68
CA LEU A 109 -8.85 -23.79 -5.39
C LEU A 109 -9.52 -24.79 -6.32
N THR A 110 -10.60 -25.41 -5.88
CA THR A 110 -11.32 -26.39 -6.69
C THR A 110 -12.26 -25.75 -7.71
N THR A 111 -12.19 -24.43 -7.94
CA THR A 111 -13.04 -23.81 -8.96
C THR A 111 -12.40 -22.58 -9.60
N GLY A 112 -11.50 -21.90 -8.90
CA GLY A 112 -10.86 -20.71 -9.43
C GLY A 112 -11.66 -19.45 -9.15
N MET A 113 -11.10 -18.32 -9.58
CA MET A 113 -11.69 -17.01 -9.35
C MET A 113 -11.53 -16.15 -10.60
N THR A 114 -12.29 -15.06 -10.64
CA THR A 114 -12.10 -14.05 -11.67
C THR A 114 -10.97 -13.10 -11.30
N VAL A 115 -10.56 -12.28 -12.27
CA VAL A 115 -9.48 -11.33 -12.03
C VAL A 115 -9.90 -10.30 -11.00
N ALA A 116 -11.14 -9.82 -11.09
CA ALA A 116 -11.63 -8.84 -10.11
C ALA A 116 -11.65 -9.43 -8.70
N GLU A 117 -12.01 -10.71 -8.58
CA GLU A 117 -11.99 -11.35 -7.27
C GLU A 117 -10.57 -11.57 -6.78
N LEU A 118 -9.64 -11.87 -7.69
CA LEU A 118 -8.23 -11.97 -7.32
C LEU A 118 -7.70 -10.63 -6.82
N SER A 119 -8.09 -9.54 -7.49
CA SER A 119 -7.61 -8.22 -7.09
C SER A 119 -8.22 -7.79 -5.76
N ALA A 120 -9.51 -8.09 -5.55
CA ALA A 120 -10.14 -7.77 -4.27
C ALA A 120 -9.49 -8.54 -3.13
N ALA A 121 -9.22 -9.82 -3.35
CA ALA A 121 -8.57 -10.63 -2.31
C ALA A 121 -7.17 -10.11 -2.00
N ALA A 122 -6.43 -9.70 -3.02
CA ALA A 122 -5.08 -9.20 -2.80
C ALA A 122 -5.07 -7.88 -2.03
N VAL A 123 -5.99 -6.99 -2.36
CA VAL A 123 -6.03 -5.69 -1.69
C VAL A 123 -6.64 -5.81 -0.31
N GLN A 124 -7.79 -6.47 -0.20
CA GLN A 124 -8.55 -6.45 1.05
C GLN A 124 -8.06 -7.48 2.05
N TYR A 125 -7.49 -8.58 1.58
CA TYR A 125 -7.04 -9.65 2.48
C TYR A 125 -5.56 -9.95 2.36
N SER A 126 -4.81 -9.21 1.55
CA SER A 126 -3.38 -9.44 1.33
C SER A 126 -3.12 -10.86 0.83
N ASP A 127 -4.05 -11.40 0.04
CA ASP A 127 -3.94 -12.76 -0.46
C ASP A 127 -2.69 -12.92 -1.30
N ASN A 128 -1.75 -13.75 -0.81
CA ASN A 128 -0.45 -13.85 -1.46
C ASN A 128 -0.53 -14.64 -2.76
N ALA A 129 -1.34 -15.70 -2.79
CA ALA A 129 -1.51 -16.46 -4.03
C ALA A 129 -2.18 -15.59 -5.10
N ALA A 130 -3.24 -14.87 -4.73
CA ALA A 130 -3.91 -13.99 -5.67
C ALA A 130 -2.96 -12.92 -6.23
N ALA A 131 -1.99 -12.49 -5.42
CA ALA A 131 -1.04 -11.49 -5.90
C ALA A 131 -0.08 -12.08 -6.93
N ASN A 132 0.45 -13.28 -6.66
CA ASN A 132 1.35 -13.92 -7.61
C ASN A 132 0.64 -14.26 -8.91
N LEU A 133 -0.61 -14.73 -8.82
CA LEU A 133 -1.38 -15.01 -10.03
C LEU A 133 -1.63 -13.74 -10.83
N LEU A 134 -1.86 -12.62 -10.14
CA LEU A 134 -2.06 -11.34 -10.85
C LEU A 134 -0.75 -10.81 -11.40
N LEU A 135 0.36 -11.02 -10.70
CA LEU A 135 1.65 -10.56 -11.20
C LEU A 135 2.08 -11.35 -12.43
N LYS A 136 1.74 -12.65 -12.48
CA LYS A 136 2.04 -13.47 -13.65
C LYS A 136 1.32 -12.97 -14.90
N GLU A 137 0.25 -12.21 -14.74
CA GLU A 137 -0.55 -11.74 -15.85
C GLU A 137 -0.17 -10.32 -16.30
N LEU A 138 0.63 -9.60 -15.52
CA LEU A 138 0.99 -8.23 -15.83
C LEU A 138 2.41 -8.10 -16.36
N GLY A 139 3.13 -9.19 -16.54
CA GLY A 139 4.51 -9.15 -16.94
C GLY A 139 5.52 -9.32 -15.83
N GLY A 140 5.10 -9.79 -14.65
CA GLY A 140 5.99 -9.97 -13.54
C GLY A 140 6.23 -8.68 -12.78
N PRO A 141 7.14 -8.72 -11.79
CA PRO A 141 7.48 -7.50 -11.06
C PRO A 141 7.95 -6.37 -11.96
N ALA A 142 8.71 -6.68 -13.02
CA ALA A 142 9.11 -5.65 -13.97
C ALA A 142 7.91 -5.06 -14.68
N GLY A 143 6.86 -5.85 -14.92
CA GLY A 143 5.66 -5.32 -15.54
C GLY A 143 4.94 -4.34 -14.64
N LEU A 144 4.80 -4.66 -13.35
CA LEU A 144 4.18 -3.73 -12.41
C LEU A 144 5.01 -2.47 -12.25
N THR A 145 6.34 -2.61 -12.17
CA THR A 145 7.21 -1.44 -12.12
C THR A 145 7.08 -0.61 -13.39
N ALA A 146 6.85 -1.25 -14.53
CA ALA A 146 6.66 -0.51 -15.77
C ALA A 146 5.40 0.35 -15.72
N PHE A 147 4.35 -0.16 -15.08
CA PHE A 147 3.12 0.62 -14.95
C PHE A 147 3.33 1.82 -14.03
N MET A 148 4.14 1.68 -12.99
CA MET A 148 4.37 2.79 -12.08
C MET A 148 5.18 3.90 -12.75
N ARG A 149 6.13 3.53 -13.62
CA ARG A 149 6.84 4.53 -14.40
C ARG A 149 5.91 5.26 -15.36
N SER A 150 4.89 4.57 -15.88
CA SER A 150 3.95 5.19 -16.81
C SER A 150 3.08 6.25 -16.16
N ILE A 151 2.88 6.18 -14.84
CA ILE A 151 2.10 7.18 -14.13
C ILE A 151 2.99 8.24 -13.48
N GLY A 152 4.30 8.17 -13.66
CA GLY A 152 5.21 9.17 -13.14
C GLY A 152 6.06 8.73 -11.97
N ASP A 153 5.85 7.53 -11.43
CA ASP A 153 6.59 7.07 -10.27
C ASP A 153 7.94 6.53 -10.73
N THR A 154 9.01 7.23 -10.38
CA THR A 154 10.37 6.83 -10.73
C THR A 154 11.11 6.18 -9.56
N THR A 155 10.48 6.08 -8.39
CA THR A 155 11.10 5.47 -7.22
C THR A 155 10.67 4.02 -7.00
N PHE A 156 9.39 3.72 -7.24
CA PHE A 156 8.88 2.36 -7.05
C PHE A 156 9.65 1.37 -7.92
N ARG A 157 10.06 0.27 -7.31
CA ARG A 157 10.63 -0.85 -8.04
C ARG A 157 10.22 -2.15 -7.34
N LEU A 158 9.67 -3.08 -8.11
CA LEU A 158 9.38 -4.43 -7.62
C LEU A 158 10.29 -5.40 -8.35
N ASP A 159 10.94 -6.28 -7.59
CA ASP A 159 11.97 -7.15 -8.14
C ASP A 159 11.64 -8.63 -8.03
N ARG A 160 11.04 -9.06 -6.92
CA ARG A 160 10.81 -10.47 -6.68
C ARG A 160 9.33 -10.76 -6.51
N TRP A 161 8.99 -12.05 -6.49
CA TRP A 161 7.62 -12.48 -6.35
C TRP A 161 7.26 -12.59 -4.86
N GLU A 162 6.01 -12.94 -4.60
CA GLU A 162 5.45 -12.82 -3.25
C GLU A 162 6.16 -13.75 -2.27
N LEU A 163 6.35 -13.24 -1.04
CA LEU A 163 7.06 -13.86 0.08
C LEU A 163 8.57 -13.78 -0.09
N GLU A 164 9.07 -13.89 -1.32
CA GLU A 164 10.48 -13.59 -1.56
C GLU A 164 10.75 -12.11 -1.41
N LEU A 165 9.82 -11.26 -1.84
CA LEU A 165 9.97 -9.81 -1.76
C LEU A 165 9.93 -9.28 -0.33
N ASN A 166 9.75 -10.14 0.67
CA ASN A 166 9.62 -9.72 2.05
C ASN A 166 10.92 -9.80 2.84
N SER A 167 12.05 -10.00 2.16
CA SER A 167 13.32 -10.15 2.87
C SER A 167 13.67 -8.90 3.66
N ALA A 168 13.37 -7.72 3.10
CA ALA A 168 13.54 -6.44 3.80
C ALA A 168 14.96 -6.26 4.31
N ILE A 169 15.94 -6.69 3.51
CA ILE A 169 17.34 -6.63 3.92
C ILE A 169 17.79 -5.18 3.98
N PRO A 170 18.50 -4.76 5.02
CA PRO A 170 18.91 -3.35 5.13
C PRO A 170 19.85 -2.95 3.99
N GLY A 171 19.59 -1.77 3.42
CA GLY A 171 20.34 -1.29 2.28
C GLY A 171 19.95 -1.90 0.95
N ASP A 172 19.02 -2.84 0.94
CA ASP A 172 18.57 -3.49 -0.29
C ASP A 172 17.48 -2.65 -0.93
N ALA A 173 17.76 -2.11 -2.12
CA ALA A 173 16.78 -1.33 -2.86
C ALA A 173 15.71 -2.18 -3.52
N ARG A 174 15.87 -3.51 -3.54
CA ARG A 174 14.89 -4.37 -4.15
C ARG A 174 13.56 -4.29 -3.42
N ASP A 175 12.47 -4.22 -4.19
CA ASP A 175 11.11 -4.22 -3.66
C ASP A 175 10.91 -3.12 -2.61
N THR A 176 11.33 -1.90 -2.97
CA THR A 176 11.26 -0.76 -2.07
C THR A 176 10.66 0.45 -2.80
N SER A 177 10.31 1.45 -2.00
CA SER A 177 9.85 2.73 -2.50
C SER A 177 10.04 3.75 -1.39
N SER A 178 9.70 5.00 -1.68
CA SER A 178 9.74 6.01 -0.64
C SER A 178 8.32 6.38 -0.21
N PRO A 179 8.12 6.75 1.06
CA PRO A 179 6.78 7.16 1.49
C PRO A 179 6.22 8.32 0.68
N ARG A 180 7.08 9.22 0.21
CA ARG A 180 6.62 10.33 -0.63
C ARG A 180 6.12 9.82 -1.98
N ALA A 181 6.91 8.94 -2.63
CA ALA A 181 6.50 8.41 -3.93
C ALA A 181 5.27 7.52 -3.82
N VAL A 182 5.12 6.80 -2.70
CA VAL A 182 3.91 6.01 -2.48
C VAL A 182 2.70 6.92 -2.35
N THR A 183 2.86 8.02 -1.61
CA THR A 183 1.74 8.94 -1.39
C THR A 183 1.35 9.66 -2.68
N GLU A 184 2.34 10.14 -3.44
CA GLU A 184 2.03 10.84 -4.68
C GLU A 184 1.40 9.90 -5.71
N SER A 185 1.84 8.63 -5.73
CA SER A 185 1.25 7.68 -6.66
C SER A 185 -0.16 7.31 -6.26
N LEU A 186 -0.41 7.12 -4.96
CA LEU A 186 -1.76 6.83 -4.48
C LEU A 186 -2.70 7.99 -4.77
N GLN A 187 -2.18 9.22 -4.73
CA GLN A 187 -3.01 10.40 -5.02
C GLN A 187 -3.44 10.40 -6.47
N LYS A 188 -2.50 10.13 -7.39
CA LYS A 188 -2.83 10.15 -8.81
C LYS A 188 -3.72 8.98 -9.21
N LEU A 189 -3.70 7.89 -8.47
CA LEU A 189 -4.52 6.73 -8.80
C LEU A 189 -5.90 6.79 -8.16
N THR A 190 -6.05 7.47 -7.02
CA THR A 190 -7.33 7.56 -6.33
C THR A 190 -8.05 8.88 -6.56
N LEU A 191 -7.32 9.97 -6.76
CA LEU A 191 -7.93 11.29 -6.95
C LEU A 191 -7.45 11.98 -8.22
N GLY A 192 -6.56 11.38 -8.99
CA GLY A 192 -6.02 11.99 -10.18
C GLY A 192 -6.63 11.43 -11.45
N SER A 193 -5.91 11.64 -12.56
CA SER A 193 -6.36 11.22 -13.88
C SER A 193 -5.67 9.95 -14.37
N ALA A 194 -4.90 9.28 -13.50
CA ALA A 194 -4.19 8.08 -13.91
C ALA A 194 -5.13 6.93 -14.24
N LEU A 195 -6.40 7.02 -13.83
CA LEU A 195 -7.39 5.99 -14.13
C LEU A 195 -8.69 6.66 -14.54
N ALA A 196 -9.45 5.96 -15.38
CA ALA A 196 -10.78 6.44 -15.75
C ALA A 196 -11.71 6.43 -14.54
N ALA A 197 -12.86 7.09 -14.69
CA ALA A 197 -13.76 7.25 -13.55
C ALA A 197 -14.24 5.92 -12.96
N PRO A 198 -14.73 4.95 -13.73
CA PRO A 198 -15.08 3.66 -13.10
C PRO A 198 -13.88 2.94 -12.53
N GLN A 199 -12.75 2.95 -13.24
CA GLN A 199 -11.55 2.28 -12.74
C GLN A 199 -11.03 2.96 -11.48
N ARG A 200 -11.16 4.28 -11.39
CA ARG A 200 -10.74 5.00 -10.19
C ARG A 200 -11.69 4.69 -9.02
N GLN A 201 -13.00 4.66 -9.28
CA GLN A 201 -13.96 4.37 -8.23
C GLN A 201 -13.83 2.93 -7.75
N GLN A 202 -13.57 2.00 -8.67
CA GLN A 202 -13.37 0.61 -8.29
C GLN A 202 -12.11 0.45 -7.43
N PHE A 203 -11.10 1.29 -7.67
CA PHE A 203 -9.89 1.25 -6.84
C PHE A 203 -10.19 1.74 -5.43
N VAL A 204 -10.92 2.86 -5.31
CA VAL A 204 -11.28 3.38 -4.00
C VAL A 204 -12.13 2.37 -3.24
N ASP A 205 -13.06 1.72 -3.94
CA ASP A 205 -13.93 0.75 -3.29
C ASP A 205 -13.14 -0.43 -2.73
N TRP A 206 -12.14 -0.90 -3.47
CA TRP A 206 -11.32 -2.02 -2.99
C TRP A 206 -10.51 -1.61 -1.76
N LEU A 207 -9.96 -0.40 -1.78
CA LEU A 207 -9.19 0.07 -0.62
C LEU A 207 -10.09 0.31 0.58
N LYS A 208 -11.30 0.82 0.35
CA LYS A 208 -12.22 1.06 1.44
C LYS A 208 -12.63 -0.25 2.14
N GLY A 209 -12.69 -1.35 1.39
CA GLY A 209 -13.12 -2.61 1.95
C GLY A 209 -11.98 -3.47 2.46
N ASN A 210 -10.81 -2.87 2.66
CA ASN A 210 -9.68 -3.63 3.19
C ASN A 210 -9.93 -4.03 4.64
N THR A 211 -9.50 -5.24 4.99
CA THR A 211 -9.76 -5.81 6.30
C THR A 211 -8.52 -5.96 7.16
N THR A 212 -7.35 -5.55 6.66
CA THR A 212 -6.09 -5.79 7.37
C THR A 212 -5.58 -4.59 8.16
N GLY A 213 -6.20 -3.42 8.02
CA GLY A 213 -5.64 -2.23 8.61
C GLY A 213 -6.43 -1.57 9.72
N ASN A 214 -7.17 -2.36 10.50
CA ASN A 214 -7.99 -1.80 11.56
C ASN A 214 -7.16 -1.26 12.71
N HIS A 215 -5.91 -1.71 12.88
CA HIS A 215 -5.06 -1.31 13.99
C HIS A 215 -3.93 -0.40 13.56
N ARG A 216 -4.00 0.18 12.36
CA ARG A 216 -2.93 1.05 11.88
C ARG A 216 -3.45 2.45 11.59
N ILE A 217 -3.44 2.85 10.31
CA ILE A 217 -3.87 4.21 9.97
C ILE A 217 -5.34 4.42 10.35
N ARG A 218 -6.15 3.37 10.24
CA ARG A 218 -7.57 3.49 10.59
C ARG A 218 -7.76 3.80 12.07
N ALA A 219 -6.86 3.31 12.92
CA ALA A 219 -6.98 3.56 14.36
C ALA A 219 -6.77 5.04 14.72
N ALA A 220 -6.19 5.82 13.82
CA ALA A 220 -5.94 7.24 14.06
C ALA A 220 -6.94 8.15 13.35
N VAL A 221 -7.93 7.58 12.68
CA VAL A 221 -8.90 8.34 11.90
C VAL A 221 -10.25 8.26 12.60
N PRO A 222 -10.97 9.38 12.75
CA PRO A 222 -12.31 9.32 13.35
C PRO A 222 -13.23 8.38 12.57
N ALA A 223 -14.22 7.85 13.29
CA ALA A 223 -15.07 6.81 12.71
C ALA A 223 -16.01 7.36 11.64
N ASP A 224 -16.38 8.63 11.72
CA ASP A 224 -17.27 9.23 10.74
C ASP A 224 -16.53 9.68 9.47
N TRP A 225 -15.24 9.36 9.34
CA TRP A 225 -14.47 9.67 8.15
C TRP A 225 -14.31 8.41 7.30
N ALA A 226 -14.56 8.52 6.01
CA ALA A 226 -14.30 7.41 5.11
C ALA A 226 -12.80 7.26 4.86
N VAL A 227 -12.34 6.02 4.75
CA VAL A 227 -10.92 5.75 4.59
C VAL A 227 -10.75 4.49 3.74
N GLY A 228 -9.75 4.51 2.87
CA GLY A 228 -9.35 3.34 2.11
C GLY A 228 -7.85 3.14 2.19
N ASP A 229 -7.42 1.98 2.65
CA ASP A 229 -6.01 1.74 2.97
C ASP A 229 -5.54 0.42 2.39
N LYS A 230 -4.22 0.27 2.38
CA LYS A 230 -3.57 -0.99 2.01
C LYS A 230 -2.35 -1.16 2.90
N THR A 231 -2.30 -2.27 3.63
CA THR A 231 -1.24 -2.52 4.60
C THR A 231 -0.14 -3.38 3.97
N GLY A 232 0.92 -3.56 4.75
CA GLY A 232 2.04 -4.40 4.36
C GLY A 232 2.89 -4.78 5.55
N THR A 233 3.17 -6.08 5.71
CA THR A 233 3.97 -6.57 6.82
C THR A 233 4.96 -7.58 6.28
N CYS A 234 6.25 -7.24 6.35
CA CYS A 234 7.28 -8.20 5.95
C CYS A 234 7.55 -9.22 7.05
N GLY A 235 7.33 -8.85 8.30
CA GLY A 235 7.57 -9.75 9.42
C GLY A 235 8.92 -9.54 10.06
N VAL A 236 9.97 -9.60 9.27
CA VAL A 236 11.33 -9.47 9.78
C VAL A 236 11.78 -8.02 9.67
N TYR A 237 12.85 -7.69 10.39
CA TYR A 237 13.45 -6.36 10.41
C TYR A 237 12.45 -5.29 10.83
N GLY A 238 11.46 -5.68 11.64
CA GLY A 238 10.47 -4.72 12.14
C GLY A 238 9.82 -3.91 11.04
N THR A 239 9.55 -4.53 9.90
CA THR A 239 9.10 -3.83 8.71
C THR A 239 7.60 -4.02 8.54
N ALA A 240 6.83 -2.97 8.84
CA ALA A 240 5.41 -2.93 8.58
C ALA A 240 5.04 -1.53 8.09
N ASN A 241 3.94 -1.45 7.36
CA ASN A 241 3.60 -0.18 6.73
C ASN A 241 2.10 -0.13 6.48
N ASP A 242 1.65 1.06 6.04
CA ASP A 242 0.26 1.32 5.70
C ASP A 242 0.19 2.65 4.98
N TYR A 243 -0.61 2.70 3.91
CA TYR A 243 -0.91 3.96 3.24
C TYR A 243 -2.41 4.03 3.00
N ALA A 244 -2.93 5.24 3.00
CA ALA A 244 -4.38 5.42 2.92
C ALA A 244 -4.70 6.81 2.39
N VAL A 245 -5.85 6.90 1.72
CA VAL A 245 -6.47 8.18 1.40
C VAL A 245 -7.71 8.31 2.29
N VAL A 246 -7.73 9.34 3.13
CA VAL A 246 -8.81 9.52 4.09
C VAL A 246 -9.70 10.66 3.60
N TRP A 247 -10.98 10.59 3.99
CA TRP A 247 -11.99 11.54 3.55
C TRP A 247 -12.63 12.17 4.78
N PRO A 248 -12.01 13.24 5.31
CA PRO A 248 -12.64 13.96 6.43
C PRO A 248 -13.89 14.69 5.95
N THR A 249 -14.82 14.87 6.87
CA THR A 249 -16.05 15.58 6.54
C THR A 249 -15.78 17.07 6.38
N GLY A 250 -16.28 17.65 5.29
CA GLY A 250 -16.16 19.08 5.08
C GLY A 250 -14.77 19.56 4.73
N ARG A 251 -13.89 18.67 4.28
CA ARG A 251 -12.53 19.05 3.92
C ARG A 251 -12.10 18.28 2.67
N ALA A 252 -11.02 18.75 2.06
CA ALA A 252 -10.45 18.03 0.94
C ALA A 252 -9.72 16.79 1.45
N PRO A 253 -9.73 15.69 0.69
CA PRO A 253 -9.18 14.43 1.19
C PRO A 253 -7.69 14.53 1.51
N ILE A 254 -7.22 13.61 2.34
CA ILE A 254 -5.84 13.53 2.77
C ILE A 254 -5.28 12.17 2.39
N VAL A 255 -4.13 12.17 1.71
CA VAL A 255 -3.43 10.96 1.34
C VAL A 255 -2.13 10.89 2.14
N LEU A 256 -1.83 9.73 2.70
CA LEU A 256 -0.67 9.60 3.57
C LEU A 256 -0.10 8.18 3.48
N ALA A 257 1.16 8.06 3.85
CA ALA A 257 1.85 6.78 3.89
C ALA A 257 2.72 6.72 5.14
N VAL A 258 2.68 5.59 5.83
CA VAL A 258 3.48 5.36 7.02
C VAL A 258 4.23 4.06 6.83
N TYR A 259 5.57 4.13 6.84
CA TYR A 259 6.42 2.98 6.60
C TYR A 259 7.44 2.87 7.72
N THR A 260 7.70 1.65 8.19
CA THR A 260 8.61 1.41 9.30
C THR A 260 9.58 0.30 8.95
N ARG A 261 10.77 0.37 9.56
CA ARG A 261 11.77 -0.68 9.44
C ARG A 261 12.71 -0.58 10.63
N ALA A 262 13.47 -1.64 10.86
CA ALA A 262 14.34 -1.75 12.02
C ALA A 262 15.68 -2.33 11.60
N PRO A 263 16.76 -2.04 12.34
CA PRO A 263 18.09 -2.48 11.90
C PRO A 263 18.35 -3.97 12.11
N ASN A 264 17.65 -4.63 13.03
CA ASN A 264 17.92 -6.03 13.32
C ASN A 264 16.84 -6.92 12.75
N LYS A 265 17.25 -8.12 12.31
CA LYS A 265 16.32 -9.06 11.68
C LYS A 265 15.27 -9.52 12.68
N ASP A 266 15.66 -9.77 13.92
CA ASP A 266 14.74 -10.26 14.94
C ASP A 266 13.83 -9.17 15.50
N ASP A 267 14.04 -7.91 15.12
CA ASP A 267 13.20 -6.83 15.64
C ASP A 267 11.77 -6.98 15.13
N LYS A 268 10.82 -6.73 16.02
CA LYS A 268 9.41 -6.86 15.72
C LYS A 268 8.82 -5.52 15.33
N HIS A 269 7.78 -5.56 14.49
CA HIS A 269 7.06 -4.37 14.10
C HIS A 269 5.97 -4.05 15.14
N SER A 270 5.37 -2.88 15.00
CA SER A 270 4.34 -2.42 15.93
C SER A 270 3.24 -1.71 15.14
N GLU A 271 2.01 -2.22 15.26
CA GLU A 271 0.88 -1.57 14.60
C GLU A 271 0.49 -0.28 15.30
N ALA A 272 0.73 -0.19 16.62
CA ALA A 272 0.44 1.05 17.34
C ALA A 272 1.38 2.17 16.93
N VAL A 273 2.62 1.83 16.55
CA VAL A 273 3.56 2.84 16.09
C VAL A 273 3.10 3.42 14.75
N ILE A 274 2.55 2.56 13.87
CA ILE A 274 2.01 3.06 12.61
C ILE A 274 0.79 3.93 12.86
N ALA A 275 -0.05 3.54 13.83
CA ALA A 275 -1.20 4.37 14.19
C ALA A 275 -0.76 5.69 14.80
N ALA A 276 0.25 5.65 15.69
CA ALA A 276 0.72 6.87 16.33
C ALA A 276 1.35 7.82 15.31
N ALA A 277 2.09 7.28 14.34
CA ALA A 277 2.66 8.11 13.29
C ALA A 277 1.57 8.70 12.41
N ALA A 278 0.51 7.94 12.15
CA ALA A 278 -0.62 8.46 11.40
C ALA A 278 -1.33 9.57 12.17
N ARG A 279 -1.45 9.40 13.48
CA ARG A 279 -2.04 10.44 14.32
C ARG A 279 -1.20 11.71 14.29
N LEU A 280 0.13 11.55 14.35
CA LEU A 280 1.01 12.72 14.32
C LEU A 280 0.98 13.43 12.98
N ALA A 281 0.78 12.68 11.89
CA ALA A 281 0.72 13.30 10.57
C ALA A 281 -0.56 14.11 10.40
N LEU A 282 -1.68 13.60 10.92
CA LEU A 282 -2.94 14.34 10.84
C LEU A 282 -2.88 15.60 11.69
N GLU A 283 -2.27 15.51 12.88
CA GLU A 283 -2.14 16.69 13.73
C GLU A 283 -1.20 17.71 13.11
N GLY A 284 -0.07 17.25 12.55
CA GLY A 284 0.83 18.17 11.87
C GLY A 284 0.21 18.85 10.67
N LEU A 285 -0.78 18.19 10.05
CA LEU A 285 -1.51 18.81 8.95
C LEU A 285 -2.56 19.78 9.47
N GLY A 286 -3.37 19.34 10.44
CA GLY A 286 -4.38 20.19 11.02
C GLY A 286 -5.77 19.59 11.01
N VAL A 287 -5.87 18.31 11.33
CA VAL A 287 -7.16 17.64 11.40
C VAL A 287 -7.24 16.78 12.65
#